data_8YHM
#
_entry.id   8YHM
#
_cell.length_a   44.830
_cell.length_b   59.310
_cell.length_c   107.740
_cell.angle_alpha   90.000
_cell.angle_beta   90.000
_cell.angle_gamma   90.000
#
_symmetry.space_group_name_H-M   'P 21 21 21'
#
loop_
_entity.id
_entity.type
_entity.pdbx_description
1 polymer 'Sordarin/hypoxysordarin biosynthesis cluster protein G'
2 non-polymer (4S)-2-METHYL-2,4-PENTANEDIOL
3 non-polymer '(3aR,5R,5aR,8R,8aR,9aR)-5-methanoyl-8,9a-dimethyl-2-propan-2-yl-3,3a,4,5,5a,6,7,8,8a,9-decahydrocyclopenta[g]azulene-1-carboxylic acid'
4 water water
#
_entity_poly.entity_id   1
_entity_poly.type   'polypeptide(L)'
_entity_poly.pdbx_seq_one_letter_code
;MAGKEIQTPDQAEAFVAKVFDVLDSYDYTRFGEVLSTDLKYEGGLQKTSGLDNFINDIKASTQRMPGLQTSHSRYRTELT
AEGTIYSEGHSNASLESNPGKVVTVPMIGVFKLDSEDGKIKEMRIYKDRLPFLALHQALPGMKANN
;
_entity_poly.pdbx_strand_id   A,B
#
# COMPACT_ATOMS: atom_id res chain seq x y z
N GLU A 5 -2.34 3.13 -26.75
CA GLU A 5 -1.50 3.86 -25.79
C GLU A 5 -2.45 4.52 -24.79
N ILE A 6 -2.09 4.47 -23.51
CA ILE A 6 -2.94 5.01 -22.44
C ILE A 6 -2.62 6.48 -22.20
N GLN A 7 -3.62 7.35 -22.39
CA GLN A 7 -3.46 8.78 -22.21
C GLN A 7 -4.43 9.38 -21.20
N THR A 8 -5.53 8.71 -20.90
CA THR A 8 -6.56 9.18 -19.99
C THR A 8 -6.66 8.26 -18.79
N PRO A 9 -7.15 8.76 -17.65
CA PRO A 9 -7.40 7.85 -16.51
C PRO A 9 -8.42 6.78 -16.83
N ASP A 10 -9.38 7.08 -17.70
CA ASP A 10 -10.36 6.08 -18.09
C ASP A 10 -9.69 4.92 -18.83
N GLN A 11 -8.71 5.23 -19.68
CA GLN A 11 -7.96 4.17 -20.35
C GLN A 11 -7.10 3.38 -19.37
N ALA A 12 -6.52 4.07 -18.38
CA ALA A 12 -5.72 3.39 -17.37
C ALA A 12 -6.57 2.40 -16.57
N GLU A 13 -7.74 2.84 -16.11
CA GLU A 13 -8.64 1.95 -15.40
C GLU A 13 -9.06 0.76 -16.26
N ALA A 14 -9.38 1.01 -17.53
CA ALA A 14 -9.75 -0.07 -18.43
C ALA A 14 -8.62 -1.09 -18.55
N PHE A 15 -7.38 -0.60 -18.62
CA PHE A 15 -6.24 -1.50 -18.74
C PHE A 15 -6.04 -2.33 -17.47
N VAL A 16 -6.09 -1.68 -16.30
CA VAL A 16 -5.90 -2.39 -15.04
C VAL A 16 -6.97 -3.46 -14.84
N ALA A 17 -8.21 -3.16 -15.27
CA ALA A 17 -9.26 -4.17 -15.19
C ALA A 17 -8.92 -5.37 -16.07
N LYS A 18 -8.44 -5.13 -17.28
CA LYS A 18 -8.04 -6.24 -18.14
C LYS A 18 -6.90 -7.03 -17.51
N VAL A 19 -5.95 -6.33 -16.88
CA VAL A 19 -4.80 -6.98 -16.26
C VAL A 19 -5.26 -7.91 -15.15
N PHE A 20 -6.16 -7.44 -14.29
CA PHE A 20 -6.53 -8.28 -13.16
C PHE A 20 -7.47 -9.41 -13.56
N ASP A 21 -8.24 -9.23 -14.64
N ASP A 21 -8.21 -9.24 -14.65
CA ASP A 21 -8.96 -10.38 -15.18
CA ASP A 21 -8.97 -10.35 -15.21
C ASP A 21 -8.00 -11.50 -15.56
C ASP A 21 -8.05 -11.48 -15.66
N VAL A 22 -6.86 -11.15 -16.16
CA VAL A 22 -5.86 -12.16 -16.49
C VAL A 22 -5.23 -12.73 -15.21
N LEU A 23 -4.81 -11.84 -14.30
CA LEU A 23 -4.11 -12.28 -13.09
C LEU A 23 -4.99 -13.17 -12.22
N ASP A 24 -6.23 -12.74 -11.99
CA ASP A 24 -7.14 -13.52 -11.15
C ASP A 24 -7.61 -14.79 -11.83
N SER A 25 -7.36 -14.95 -13.13
CA SER A 25 -7.68 -16.20 -13.80
C SER A 25 -6.62 -17.26 -13.56
N TYR A 26 -5.43 -16.86 -13.14
CA TYR A 26 -4.28 -17.75 -12.95
C TYR A 26 -3.96 -18.53 -14.21
N ASP A 27 -4.33 -17.98 -15.36
CA ASP A 27 -3.95 -18.54 -16.66
C ASP A 27 -2.57 -18.00 -16.99
N TYR A 28 -1.54 -18.69 -16.49
CA TYR A 28 -0.17 -18.20 -16.63
C TYR A 28 0.24 -18.10 -18.09
N THR A 29 -0.36 -18.90 -18.97
CA THR A 29 -0.04 -18.84 -20.40
C THR A 29 -0.39 -17.50 -21.01
N ARG A 30 -1.26 -16.73 -20.36
CA ARG A 30 -1.68 -15.42 -20.86
C ARG A 30 -1.05 -14.27 -20.08
N PHE A 31 -0.29 -14.53 -19.02
CA PHE A 31 0.30 -13.45 -18.24
C PHE A 31 1.17 -12.55 -19.11
N GLY A 32 1.88 -13.14 -20.07
CA GLY A 32 2.71 -12.35 -20.97
C GLY A 32 1.94 -11.41 -21.88
N GLU A 33 0.61 -11.53 -21.96
CA GLU A 33 -0.14 -10.59 -22.77
C GLU A 33 -0.14 -9.19 -22.17
N VAL A 34 0.04 -9.08 -20.84
CA VAL A 34 -0.09 -7.80 -20.17
C VAL A 34 1.14 -7.51 -19.32
N LEU A 35 2.00 -8.51 -19.11
CA LEU A 35 3.18 -8.37 -18.27
C LEU A 35 4.44 -8.55 -19.10
N SER A 36 5.42 -7.67 -18.86
CA SER A 36 6.69 -7.70 -19.56
C SER A 36 7.51 -8.94 -19.19
N THR A 37 8.30 -9.42 -20.15
N THR A 37 8.31 -9.43 -20.14
CA THR A 37 9.20 -10.54 -19.89
CA THR A 37 9.18 -10.56 -19.85
C THR A 37 10.20 -10.19 -18.80
C THR A 37 10.26 -10.19 -18.84
N ASP A 38 10.56 -8.91 -18.68
CA ASP A 38 11.54 -8.44 -17.71
C ASP A 38 10.86 -7.83 -16.47
N LEU A 39 9.66 -8.31 -16.14
CA LEU A 39 8.86 -7.69 -15.09
C LEU A 39 9.62 -7.61 -13.76
N LYS A 40 9.60 -6.42 -13.17
CA LYS A 40 10.09 -6.20 -11.80
C LYS A 40 8.88 -6.14 -10.88
N TYR A 41 8.73 -7.13 -10.00
CA TYR A 41 7.59 -7.20 -9.11
C TYR A 41 8.03 -7.01 -7.66
N GLU A 42 7.23 -6.26 -6.89
N GLU A 42 7.23 -6.25 -6.91
CA GLU A 42 7.47 -6.16 -5.45
CA GLU A 42 7.41 -6.08 -5.47
C GLU A 42 6.14 -6.19 -4.73
C GLU A 42 6.06 -6.24 -4.78
N GLY A 43 6.01 -7.11 -3.78
CA GLY A 43 4.83 -7.24 -2.95
C GLY A 43 5.28 -7.42 -1.51
N GLY A 44 5.46 -6.32 -0.78
CA GLY A 44 6.03 -6.43 0.55
C GLY A 44 7.49 -6.81 0.42
N LEU A 45 7.91 -7.80 1.20
CA LEU A 45 9.28 -8.28 1.14
C LEU A 45 9.51 -9.27 -0.01
N GLN A 46 8.45 -9.65 -0.71
CA GLN A 46 8.55 -10.55 -1.85
C GLN A 46 8.93 -9.77 -3.09
N LYS A 47 10.04 -10.13 -3.73
CA LYS A 47 10.49 -9.46 -4.93
C LYS A 47 10.89 -10.50 -5.96
N THR A 48 10.54 -10.27 -7.22
CA THR A 48 10.96 -11.14 -8.31
C THR A 48 11.38 -10.30 -9.50
N SER A 49 12.28 -10.87 -10.30
N SER A 49 12.27 -10.86 -10.31
CA SER A 49 12.72 -10.28 -11.56
CA SER A 49 12.71 -10.27 -11.56
C SER A 49 12.47 -11.27 -12.68
C SER A 49 12.47 -11.26 -12.69
N GLY A 50 11.75 -10.83 -13.71
CA GLY A 50 11.44 -11.69 -14.84
C GLY A 50 10.06 -12.30 -14.75
N LEU A 51 9.39 -12.47 -15.88
CA LEU A 51 8.02 -12.95 -15.87
C LEU A 51 7.92 -14.38 -15.34
N ASP A 52 8.89 -15.23 -15.70
CA ASP A 52 8.85 -16.62 -15.23
C ASP A 52 8.96 -16.69 -13.71
N ASN A 53 9.80 -15.85 -13.11
CA ASN A 53 9.96 -15.89 -11.65
C ASN A 53 8.71 -15.40 -10.96
N PHE A 54 8.06 -14.37 -11.50
CA PHE A 54 6.78 -13.92 -10.99
C PHE A 54 5.75 -15.04 -11.04
N ILE A 55 5.66 -15.73 -12.18
CA ILE A 55 4.72 -16.83 -12.32
C ILE A 55 5.00 -17.93 -11.31
N ASN A 56 6.27 -18.28 -11.13
CA ASN A 56 6.61 -19.35 -10.19
C ASN A 56 6.24 -18.99 -8.76
N ASP A 57 6.40 -17.72 -8.38
CA ASP A 57 6.02 -17.30 -7.03
C ASP A 57 4.52 -17.38 -6.82
N ILE A 58 3.74 -17.02 -7.84
CA ILE A 58 2.28 -17.13 -7.72
C ILE A 58 1.87 -18.60 -7.58
N LYS A 59 2.45 -19.47 -8.40
CA LYS A 59 2.16 -20.90 -8.27
C LYS A 59 2.43 -21.38 -6.86
N ALA A 60 3.54 -20.92 -6.26
CA ALA A 60 3.85 -21.29 -4.89
C ALA A 60 2.77 -20.82 -3.93
N SER A 61 2.22 -19.63 -4.15
CA SER A 61 1.13 -19.14 -3.32
C SER A 61 -0.10 -20.04 -3.45
N THR A 62 -0.44 -20.48 -4.67
CA THR A 62 -1.60 -21.34 -4.83
C THR A 62 -1.40 -22.72 -4.21
N GLN A 63 -0.16 -23.14 -3.99
CA GLN A 63 0.10 -24.40 -3.30
C GLN A 63 0.08 -24.23 -1.78
N ARG A 64 0.44 -23.05 -1.28
CA ARG A 64 0.30 -22.77 0.13
C ARG A 64 -1.17 -22.71 0.53
N MET A 65 -2.02 -22.15 -0.34
CA MET A 65 -3.46 -22.03 -0.10
C MET A 65 -4.18 -22.80 -1.20
N PRO A 66 -4.31 -24.12 -1.06
CA PRO A 66 -4.94 -24.92 -2.12
C PRO A 66 -6.37 -24.48 -2.37
N GLY A 67 -6.70 -24.27 -3.64
CA GLY A 67 -8.01 -23.76 -3.99
C GLY A 67 -8.13 -22.26 -3.92
N LEU A 68 -7.01 -21.55 -3.86
CA LEU A 68 -7.05 -20.08 -3.78
C LEU A 68 -7.78 -19.49 -4.97
N GLN A 69 -8.75 -18.62 -4.68
CA GLN A 69 -9.41 -17.81 -5.69
C GLN A 69 -9.42 -16.36 -5.24
N THR A 70 -9.22 -15.45 -6.19
CA THR A 70 -9.06 -14.03 -5.88
C THR A 70 -9.87 -13.17 -6.83
N SER A 71 -10.21 -11.97 -6.36
CA SER A 71 -10.85 -10.96 -7.17
C SER A 71 -10.50 -9.58 -6.62
N HIS A 72 -10.77 -8.55 -7.42
CA HIS A 72 -10.34 -7.20 -7.06
C HIS A 72 -11.38 -6.17 -7.49
N SER A 73 -11.44 -5.09 -6.73
CA SER A 73 -12.24 -3.93 -7.06
C SER A 73 -11.36 -2.70 -6.89
N ARG A 74 -11.72 -1.63 -7.60
CA ARG A 74 -10.97 -0.39 -7.51
C ARG A 74 -11.94 0.77 -7.44
N TYR A 75 -11.63 1.76 -6.62
CA TYR A 75 -12.44 2.96 -6.59
C TYR A 75 -11.71 4.22 -7.02
N ARG A 76 -10.40 4.17 -7.21
CA ARG A 76 -9.66 5.33 -7.67
C ARG A 76 -8.47 4.86 -8.50
N THR A 77 -8.34 5.38 -9.72
CA THR A 77 -7.22 5.06 -10.60
C THR A 77 -6.63 6.36 -11.12
N GLU A 78 -5.34 6.57 -10.88
CA GLU A 78 -4.66 7.79 -11.30
C GLU A 78 -3.59 7.48 -12.33
N LEU A 79 -3.38 8.43 -13.23
CA LEU A 79 -2.35 8.35 -14.26
C LEU A 79 -1.44 9.56 -14.11
N THR A 80 -0.16 9.32 -13.89
CA THR A 80 0.80 10.41 -13.74
C THR A 80 1.34 10.82 -15.11
N ALA A 81 1.95 12.01 -15.14
CA ALA A 81 2.56 12.47 -16.38
C ALA A 81 3.73 11.59 -16.80
N GLU A 82 4.39 10.96 -15.83
CA GLU A 82 5.43 9.98 -16.13
C GLU A 82 4.89 8.70 -16.74
N GLY A 83 3.57 8.49 -16.71
CA GLY A 83 2.96 7.30 -17.24
C GLY A 83 2.61 6.26 -16.19
N THR A 84 3.08 6.42 -14.96
CA THR A 84 2.84 5.45 -13.91
C THR A 84 1.38 5.48 -13.46
N ILE A 85 0.80 4.31 -13.21
CA ILE A 85 -0.59 4.18 -12.78
C ILE A 85 -0.63 3.81 -11.31
N TYR A 86 -1.43 4.55 -10.54
CA TYR A 86 -1.73 4.23 -9.14
C TYR A 86 -3.19 3.84 -9.03
N SER A 87 -3.46 2.70 -8.41
CA SER A 87 -4.83 2.18 -8.30
C SER A 87 -5.13 1.78 -6.88
N GLU A 88 -6.18 2.36 -6.29
CA GLU A 88 -6.58 2.10 -4.92
C GLU A 88 -7.91 1.34 -4.90
N GLY A 89 -7.97 0.27 -4.10
CA GLY A 89 -9.16 -0.55 -4.04
C GLY A 89 -9.08 -1.64 -2.99
N HIS A 90 -9.57 -2.83 -3.32
CA HIS A 90 -9.60 -3.94 -2.38
C HIS A 90 -9.26 -5.24 -3.08
N SER A 91 -8.67 -6.16 -2.31
CA SER A 91 -8.27 -7.48 -2.77
C SER A 91 -9.05 -8.52 -1.96
N ASN A 92 -9.77 -9.40 -2.65
CA ASN A 92 -10.55 -10.46 -2.03
C ASN A 92 -9.93 -11.83 -2.30
N ALA A 93 -10.02 -12.72 -1.31
CA ALA A 93 -9.53 -14.09 -1.45
C ALA A 93 -10.41 -15.05 -0.67
N SER A 94 -10.53 -16.27 -1.19
CA SER A 94 -11.23 -17.36 -0.54
C SER A 94 -10.64 -18.67 -1.05
N LEU A 95 -11.02 -19.77 -0.40
CA LEU A 95 -10.64 -21.11 -0.84
C LEU A 95 -11.82 -21.78 -1.50
N GLU A 96 -11.57 -22.52 -2.58
CA GLU A 96 -12.66 -23.23 -3.26
C GLU A 96 -13.36 -24.19 -2.33
N SER A 97 -12.64 -24.75 -1.34
CA SER A 97 -13.23 -25.70 -0.41
C SER A 97 -14.14 -25.04 0.62
N ASN A 98 -14.10 -23.71 0.74
CA ASN A 98 -14.95 -22.99 1.69
C ASN A 98 -15.21 -21.59 1.15
N PRO A 99 -15.96 -21.49 0.05
CA PRO A 99 -16.08 -20.19 -0.63
C PRO A 99 -16.77 -19.12 0.20
N GLY A 100 -17.52 -19.50 1.24
CA GLY A 100 -18.19 -18.51 2.07
C GLY A 100 -17.28 -17.74 3.00
N LYS A 101 -16.03 -18.17 3.17
CA LYS A 101 -15.06 -17.46 4.02
C LYS A 101 -14.22 -16.57 3.13
N VAL A 102 -14.59 -15.29 3.03
CA VAL A 102 -13.89 -14.34 2.18
C VAL A 102 -13.08 -13.40 3.05
N VAL A 103 -11.81 -13.21 2.69
CA VAL A 103 -10.95 -12.21 3.31
C VAL A 103 -10.76 -11.08 2.32
N THR A 104 -11.02 -9.85 2.76
CA THR A 104 -10.89 -8.68 1.91
C THR A 104 -10.03 -7.65 2.64
N VAL A 105 -9.00 -7.16 1.95
CA VAL A 105 -8.12 -6.13 2.51
C VAL A 105 -8.02 -4.96 1.54
N PRO A 106 -7.73 -3.75 2.03
CA PRO A 106 -7.39 -2.64 1.13
C PRO A 106 -6.13 -2.96 0.34
N MET A 107 -6.04 -2.41 -0.87
CA MET A 107 -4.88 -2.66 -1.71
C MET A 107 -4.61 -1.44 -2.58
N ILE A 108 -3.33 -1.16 -2.81
CA ILE A 108 -2.94 -0.20 -3.83
C ILE A 108 -1.96 -0.88 -4.76
N GLY A 109 -2.13 -0.65 -6.05
CA GLY A 109 -1.22 -1.15 -7.07
C GLY A 109 -0.56 0.00 -7.79
N VAL A 110 0.75 -0.13 -8.03
CA VAL A 110 1.53 0.84 -8.78
C VAL A 110 2.10 0.13 -10.01
N PHE A 111 1.85 0.69 -11.20
CA PHE A 111 2.17 0.02 -12.46
C PHE A 111 2.95 0.96 -13.36
N LYS A 112 4.14 0.54 -13.78
CA LYS A 112 4.92 1.25 -14.79
C LYS A 112 4.87 0.46 -16.09
N LEU A 113 4.53 1.14 -17.19
CA LEU A 113 4.32 0.50 -18.47
C LEU A 113 5.56 0.57 -19.35
N ASP A 114 5.73 -0.46 -20.17
CA ASP A 114 6.76 -0.47 -21.20
C ASP A 114 6.29 0.38 -22.37
N SER A 115 7.13 1.33 -22.79
CA SER A 115 6.75 2.23 -23.87
C SER A 115 6.65 1.53 -25.21
N GLU A 116 7.25 0.35 -25.35
CA GLU A 116 7.25 -0.33 -26.65
C GLU A 116 5.94 -1.04 -26.92
N ASP A 117 5.46 -1.83 -25.95
CA ASP A 117 4.29 -2.69 -26.16
C ASP A 117 3.16 -2.46 -25.15
N GLY A 118 3.30 -1.49 -24.25
CA GLY A 118 2.24 -1.19 -23.31
C GLY A 118 2.08 -2.19 -22.18
N LYS A 119 2.96 -3.18 -22.09
CA LYS A 119 2.90 -4.16 -21.01
C LYS A 119 3.46 -3.56 -19.72
N ILE A 120 3.05 -4.15 -18.60
CA ILE A 120 3.54 -3.71 -17.29
C ILE A 120 4.97 -4.18 -17.12
N LYS A 121 5.91 -3.23 -16.97
CA LYS A 121 7.30 -3.60 -16.73
C LYS A 121 7.68 -3.59 -15.25
N GLU A 122 6.99 -2.78 -14.43
CA GLU A 122 7.18 -2.80 -12.99
C GLU A 122 5.81 -2.77 -12.31
N MET A 123 5.62 -3.65 -11.33
CA MET A 123 4.36 -3.74 -10.61
C MET A 123 4.68 -3.82 -9.12
N ARG A 124 4.13 -2.89 -8.34
CA ARG A 124 4.32 -2.89 -6.89
C ARG A 124 2.96 -2.94 -6.22
N ILE A 125 2.72 -3.98 -5.44
CA ILE A 125 1.41 -4.22 -4.82
C ILE A 125 1.55 -4.06 -3.31
N TYR A 126 0.68 -3.24 -2.73
CA TYR A 126 0.71 -3.00 -1.29
C TYR A 126 -0.57 -3.47 -0.64
N LYS A 127 -0.46 -4.48 0.21
CA LYS A 127 -1.64 -4.94 1.02
C LYS A 127 -1.11 -5.59 2.30
N ASP A 128 -1.91 -5.62 3.36
CA ASP A 128 -1.51 -6.36 4.55
C ASP A 128 -1.79 -7.83 4.29
N ARG A 129 -0.76 -8.66 4.41
N ARG A 129 -0.78 -8.67 4.42
CA ARG A 129 -0.92 -10.09 4.19
CA ARG A 129 -0.95 -10.10 4.19
C ARG A 129 -1.42 -10.82 5.43
C ARG A 129 -1.34 -10.86 5.44
N LEU A 130 -1.23 -10.23 6.61
CA LEU A 130 -1.60 -10.90 7.86
C LEU A 130 -3.04 -11.40 7.89
N PRO A 131 -4.04 -10.66 7.40
CA PRO A 131 -5.42 -11.18 7.47
C PRO A 131 -5.63 -12.46 6.70
N PHE A 132 -4.80 -12.76 5.71
CA PHE A 132 -5.03 -13.95 4.89
C PHE A 132 -4.65 -15.24 5.59
N LEU A 133 -3.98 -15.18 6.74
CA LEU A 133 -3.80 -16.37 7.55
C LEU A 133 -5.13 -16.97 7.99
N ALA A 134 -6.18 -16.14 8.07
CA ALA A 134 -7.51 -16.61 8.44
C ALA A 134 -8.11 -17.58 7.44
N LEU A 135 -7.54 -17.67 6.23
CA LEU A 135 -8.01 -18.67 5.28
C LEU A 135 -7.64 -20.08 5.71
N HIS A 136 -6.61 -20.22 6.54
CA HIS A 136 -6.22 -21.53 7.07
C HIS A 136 -6.95 -21.85 8.36
N GLU B 5 -0.98 26.34 1.36
CA GLU B 5 -1.32 25.58 0.17
C GLU B 5 -0.15 24.79 -0.41
N ILE B 6 -0.39 23.50 -0.61
CA ILE B 6 0.59 22.60 -1.22
C ILE B 6 0.24 22.50 -2.69
N GLN B 7 1.18 22.92 -3.54
CA GLN B 7 0.94 22.99 -4.97
C GLN B 7 1.93 22.19 -5.81
N THR B 8 3.11 21.89 -5.28
CA THR B 8 4.15 21.15 -5.99
C THR B 8 4.45 19.85 -5.25
N PRO B 9 5.01 18.86 -5.94
CA PRO B 9 5.44 17.64 -5.24
C PRO B 9 6.52 17.90 -4.19
N ASP B 10 7.40 18.88 -4.42
CA ASP B 10 8.39 19.21 -3.40
C ASP B 10 7.73 19.75 -2.14
N GLN B 11 6.68 20.56 -2.28
CA GLN B 11 5.94 21.02 -1.12
C GLN B 11 5.23 19.87 -0.43
N ALA B 12 4.69 18.93 -1.22
CA ALA B 12 4.05 17.76 -0.65
C ALA B 12 5.05 16.93 0.17
N GLU B 13 6.22 16.65 -0.42
CA GLU B 13 7.25 15.91 0.30
C GLU B 13 7.68 16.61 1.58
N ALA B 14 7.87 17.94 1.52
CA ALA B 14 8.23 18.68 2.73
C ALA B 14 7.17 18.52 3.80
N PHE B 15 5.89 18.54 3.41
CA PHE B 15 4.81 18.39 4.38
C PHE B 15 4.79 16.98 4.98
N VAL B 16 4.89 15.96 4.13
CA VAL B 16 4.88 14.58 4.62
C VAL B 16 6.06 14.33 5.55
N ALA B 17 7.22 14.95 5.24
CA ALA B 17 8.36 14.84 6.14
C ALA B 17 8.05 15.45 7.51
N LYS B 18 7.40 16.62 7.50
CA LYS B 18 6.98 17.25 8.75
C LYS B 18 6.00 16.37 9.51
N VAL B 19 5.07 15.76 8.79
CA VAL B 19 4.07 14.89 9.41
C VAL B 19 4.73 13.71 10.11
N PHE B 20 5.68 13.07 9.42
CA PHE B 20 6.27 11.88 10.00
C PHE B 20 7.28 12.20 11.09
N ASP B 21 7.87 13.40 11.08
N ASP B 21 7.88 13.39 11.07
CA ASP B 21 8.67 13.81 12.23
CA ASP B 21 8.66 13.81 12.23
C ASP B 21 7.83 13.92 13.49
C ASP B 21 7.80 13.84 13.48
N VAL B 22 6.56 14.31 13.35
CA VAL B 22 5.66 14.31 14.50
C VAL B 22 5.23 12.89 14.84
N LEU B 23 4.80 12.12 13.84
CA LEU B 23 4.25 10.79 14.12
C LEU B 23 5.30 9.87 14.75
N ASP B 24 6.51 9.84 14.18
CA ASP B 24 7.55 8.95 14.70
C ASP B 24 8.11 9.43 16.03
N SER B 25 7.76 10.64 16.46
CA SER B 25 8.14 11.10 17.80
C SER B 25 7.22 10.54 18.87
N TYR B 26 6.01 10.10 18.48
CA TYR B 26 5.00 9.62 19.41
C TYR B 26 4.65 10.65 20.49
N ASP B 27 4.89 11.93 20.19
CA ASP B 27 4.45 13.03 21.06
C ASP B 27 3.01 13.33 20.67
N TYR B 28 2.08 12.60 21.31
CA TYR B 28 0.68 12.70 20.93
C TYR B 28 0.11 14.10 21.11
N THR B 29 0.70 14.92 21.99
CA THR B 29 0.23 16.29 22.17
C THR B 29 0.41 17.13 20.92
N ARG B 30 1.26 16.70 19.99
CA ARG B 30 1.54 17.43 18.76
C ARG B 30 0.85 16.84 17.55
N PHE B 31 0.17 15.70 17.69
CA PHE B 31 -0.47 15.07 16.54
C PHE B 31 -1.48 16.01 15.89
N GLY B 32 -2.20 16.79 16.72
CA GLY B 32 -3.17 17.74 16.21
C GLY B 32 -2.59 18.87 15.39
N GLU B 33 -1.26 19.02 15.39
CA GLU B 33 -0.65 20.05 14.55
C GLU B 33 -0.77 19.71 13.06
N VAL B 34 -0.88 18.43 12.72
CA VAL B 34 -0.85 18.02 11.32
C VAL B 34 -2.04 17.12 10.98
N LEU B 35 -2.77 16.63 11.99
CA LEU B 35 -3.88 15.72 11.77
C LEU B 35 -5.18 16.38 12.19
N SER B 36 -6.20 16.24 11.34
N SER B 36 -6.20 16.26 11.34
CA SER B 36 -7.51 16.81 11.62
CA SER B 36 -7.50 16.84 11.63
C SER B 36 -8.13 16.13 12.84
C SER B 36 -8.16 16.13 12.80
N THR B 37 -8.92 16.91 13.59
N THR B 37 -8.95 16.90 13.57
CA THR B 37 -9.65 16.35 14.72
CA THR B 37 -9.67 16.31 14.70
C THR B 37 -10.66 15.30 14.30
C THR B 37 -10.62 15.21 14.26
N ASP B 38 -11.07 15.30 13.03
N ASP B 38 -11.13 15.29 13.03
CA ASP B 38 -12.00 14.31 12.49
CA ASP B 38 -12.03 14.28 12.48
C ASP B 38 -11.31 13.34 11.54
C ASP B 38 -11.32 13.32 11.55
N LEU B 39 -10.04 13.04 11.82
CA LEU B 39 -9.24 12.19 10.95
C LEU B 39 -9.89 10.85 10.66
N LYS B 40 -9.93 10.48 9.37
CA LYS B 40 -10.32 9.15 8.93
C LYS B 40 -9.04 8.38 8.58
N TYR B 41 -8.70 7.38 9.39
CA TYR B 41 -7.49 6.60 9.20
C TYR B 41 -7.81 5.15 8.83
N GLU B 42 -7.07 4.62 7.86
N GLU B 42 -7.05 4.59 7.89
CA GLU B 42 -7.12 3.21 7.48
CA GLU B 42 -7.19 3.18 7.54
C GLU B 42 -5.71 2.67 7.43
C GLU B 42 -5.80 2.59 7.34
N GLY B 43 -5.48 1.56 8.11
CA GLY B 43 -4.22 0.84 7.98
C GLY B 43 -4.51 -0.64 7.89
N GLY B 44 -4.73 -1.15 6.68
CA GLY B 44 -5.18 -2.53 6.54
C GLY B 44 -6.60 -2.64 7.06
N LEU B 45 -6.86 -3.64 7.89
CA LEU B 45 -8.19 -3.79 8.46
C LEU B 45 -8.42 -2.88 9.65
N GLN B 46 -7.40 -2.17 10.10
CA GLN B 46 -7.53 -1.24 11.22
C GLN B 46 -8.06 0.10 10.72
N LYS B 47 -9.19 0.55 11.28
CA LYS B 47 -9.79 1.82 10.90
C LYS B 47 -10.16 2.60 12.15
N THR B 48 -9.93 3.91 12.13
CA THR B 48 -10.37 4.77 13.23
C THR B 48 -11.00 6.04 12.66
N SER B 49 -11.93 6.59 13.44
N SER B 49 -11.93 6.60 13.43
CA SER B 49 -12.53 7.89 13.15
CA SER B 49 -12.52 7.89 13.15
C SER B 49 -12.26 8.82 14.32
C SER B 49 -12.26 8.82 14.32
N GLY B 50 -11.72 9.99 14.02
CA GLY B 50 -11.41 10.95 15.06
C GLY B 50 -9.95 10.87 15.50
N LEU B 51 -9.39 12.03 15.82
CA LEU B 51 -7.97 12.09 16.18
C LEU B 51 -7.70 11.33 17.47
N ASP B 52 -8.61 11.44 18.45
CA ASP B 52 -8.40 10.75 19.72
C ASP B 52 -8.37 9.24 19.53
N ASN B 53 -9.24 8.71 18.68
CA ASN B 53 -9.25 7.26 18.47
C ASN B 53 -7.99 6.79 17.76
N PHE B 54 -7.50 7.58 16.80
CA PHE B 54 -6.22 7.26 16.15
C PHE B 54 -5.09 7.20 17.17
N ILE B 55 -5.02 8.19 18.05
CA ILE B 55 -3.97 8.23 19.07
C ILE B 55 -4.06 7.00 19.96
N ASN B 56 -5.27 6.61 20.37
CA ASN B 56 -5.41 5.46 21.25
C ASN B 56 -4.97 4.18 20.55
N ASP B 57 -5.24 4.05 19.26
CA ASP B 57 -4.78 2.88 18.51
C ASP B 57 -3.27 2.83 18.42
N ILE B 58 -2.62 3.98 18.22
CA ILE B 58 -1.15 4.00 18.18
C ILE B 58 -0.59 3.63 19.53
N LYS B 59 -1.14 4.20 20.62
CA LYS B 59 -0.69 3.82 21.95
C LYS B 59 -0.79 2.32 22.17
N ALA B 60 -1.87 1.71 21.69
CA ALA B 60 -2.03 0.26 21.82
C ALA B 60 -0.93 -0.47 21.06
N SER B 61 -0.55 0.03 19.89
CA SER B 61 0.56 -0.58 19.15
C SER B 61 1.85 -0.51 19.94
N THR B 62 2.13 0.63 20.58
CA THR B 62 3.37 0.77 21.35
C THR B 62 3.38 -0.12 22.58
N GLN B 63 2.22 -0.56 23.06
CA GLN B 63 2.19 -1.53 24.16
C GLN B 63 2.30 -2.96 23.65
N ARG B 64 1.81 -3.24 22.44
CA ARG B 64 2.03 -4.54 21.82
C ARG B 64 3.50 -4.75 21.50
N MET B 65 4.19 -3.70 21.08
CA MET B 65 5.62 -3.74 20.77
C MET B 65 6.34 -2.77 21.71
N PRO B 66 6.59 -3.18 22.95
CA PRO B 66 7.21 -2.27 23.92
C PRO B 66 8.60 -1.82 23.48
N GLY B 67 8.84 -0.51 23.59
CA GLY B 67 10.08 0.06 23.11
C GLY B 67 10.10 0.35 21.63
N LEU B 68 8.94 0.34 20.99
CA LEU B 68 8.84 0.55 19.55
C LEU B 68 9.49 1.87 19.15
N GLN B 69 10.35 1.82 18.14
CA GLN B 69 10.92 2.99 17.48
C GLN B 69 10.67 2.85 15.98
N THR B 70 10.31 3.94 15.32
CA THR B 70 10.01 3.89 13.89
C THR B 70 10.65 5.09 13.19
N SER B 71 10.90 4.91 11.89
CA SER B 71 11.38 5.97 11.03
C SER B 71 10.92 5.67 9.62
N HIS B 72 11.01 6.67 8.75
CA HIS B 72 10.46 6.53 7.40
C HIS B 72 11.33 7.25 6.39
N SER B 73 11.34 6.71 5.17
CA SER B 73 11.96 7.35 4.01
C SER B 73 10.98 7.29 2.84
N ARG B 74 11.18 8.19 1.90
CA ARG B 74 10.34 8.26 0.72
C ARG B 74 11.21 8.50 -0.50
N TYR B 75 10.86 7.86 -1.60
CA TYR B 75 11.57 8.10 -2.84
C TYR B 75 10.71 8.68 -3.95
N ARG B 76 9.38 8.68 -3.79
CA ARG B 76 8.50 9.27 -4.80
C ARG B 76 7.27 9.82 -4.11
N THR B 77 6.96 11.09 -4.38
CA THR B 77 5.77 11.73 -3.83
C THR B 77 5.00 12.40 -4.95
N GLU B 78 3.73 12.05 -5.11
CA GLU B 78 2.88 12.59 -6.15
C GLU B 78 1.76 13.41 -5.55
N LEU B 79 1.37 14.47 -6.26
CA LEU B 79 0.25 15.32 -5.86
C LEU B 79 -0.77 15.32 -6.99
N THR B 80 -1.99 14.91 -6.69
CA THR B 80 -3.03 14.86 -7.72
C THR B 80 -3.70 16.22 -7.85
N ALA B 81 -4.40 16.40 -8.97
CA ALA B 81 -5.13 17.65 -9.17
C ALA B 81 -6.25 17.80 -8.16
N GLU B 82 -6.77 16.68 -7.64
CA GLU B 82 -7.72 16.69 -6.55
C GLU B 82 -7.10 17.13 -5.23
N GLY B 83 -5.77 17.19 -5.15
CA GLY B 83 -5.09 17.56 -3.93
C GLY B 83 -4.54 16.41 -3.13
N THR B 84 -4.91 15.18 -3.46
CA THR B 84 -4.48 14.01 -2.71
C THR B 84 -2.99 13.74 -2.95
N ILE B 85 -2.29 13.34 -1.89
CA ILE B 85 -0.86 13.06 -1.94
C ILE B 85 -0.67 11.54 -1.88
N TYR B 86 0.12 11.02 -2.81
CA TYR B 86 0.57 9.63 -2.78
C TYR B 86 2.06 9.63 -2.52
N SER B 87 2.49 8.89 -1.52
CA SER B 87 3.89 8.90 -1.11
C SER B 87 4.38 7.48 -0.98
N GLU B 88 5.40 7.13 -1.77
CA GLU B 88 5.93 5.78 -1.81
C GLU B 88 7.32 5.76 -1.20
N GLY B 89 7.58 4.80 -0.32
CA GLY B 89 8.86 4.72 0.35
C GLY B 89 8.99 3.50 1.22
N HIS B 90 9.58 3.64 2.41
CA HIS B 90 9.80 2.51 3.30
C HIS B 90 9.53 2.91 4.75
N SER B 91 9.13 1.92 5.53
CA SER B 91 8.83 2.06 6.95
C SER B 91 9.78 1.16 7.73
N ASN B 92 10.52 1.75 8.67
CA ASN B 92 11.48 1.03 9.51
C ASN B 92 10.97 0.93 10.95
N ALA B 93 11.27 -0.19 11.59
CA ALA B 93 10.89 -0.37 12.98
C ALA B 93 11.93 -1.22 13.70
N SER B 94 12.13 -0.90 14.98
N SER B 94 12.09 -0.95 14.99
CA SER B 94 12.95 -1.72 15.85
CA SER B 94 13.01 -1.69 15.85
C SER B 94 12.45 -1.52 17.27
C SER B 94 12.68 -1.39 17.31
N LEU B 95 12.94 -2.37 18.17
CA LEU B 95 12.66 -2.25 19.59
C LEU B 95 13.87 -1.66 20.30
N GLU B 96 13.62 -0.78 21.26
CA GLU B 96 14.71 -0.15 22.01
C GLU B 96 15.57 -1.19 22.74
N SER B 97 14.98 -2.32 23.11
CA SER B 97 15.71 -3.38 23.81
C SER B 97 16.65 -4.15 22.90
N ASN B 98 16.53 -3.99 21.58
CA ASN B 98 17.38 -4.68 20.62
C ASN B 98 17.48 -3.85 19.36
N PRO B 99 18.17 -2.70 19.43
CA PRO B 99 18.13 -1.73 18.31
C PRO B 99 18.76 -2.24 17.03
N GLY B 100 19.60 -3.27 17.09
CA GLY B 100 20.20 -3.80 15.88
C GLY B 100 19.28 -4.62 15.00
N LYS B 101 18.11 -5.00 15.51
CA LYS B 101 17.15 -5.77 14.71
C LYS B 101 16.16 -4.78 14.12
N VAL B 102 16.40 -4.41 12.86
CA VAL B 102 15.57 -3.44 12.14
C VAL B 102 14.74 -4.20 11.13
N VAL B 103 13.43 -3.95 11.14
CA VAL B 103 12.51 -4.45 10.13
C VAL B 103 12.11 -3.29 9.23
N THR B 104 12.28 -3.47 7.91
CA THR B 104 11.97 -2.44 6.93
C THR B 104 11.06 -3.04 5.88
N VAL B 105 9.93 -2.39 5.61
CA VAL B 105 9.03 -2.84 4.55
C VAL B 105 8.70 -1.69 3.62
N PRO B 106 8.35 -1.96 2.36
CA PRO B 106 7.81 -0.92 1.49
C PRO B 106 6.52 -0.37 2.08
N MET B 107 6.26 0.91 1.79
CA MET B 107 5.05 1.52 2.31
C MET B 107 4.56 2.58 1.34
N ILE B 108 3.23 2.69 1.22
CA ILE B 108 2.60 3.76 0.48
C ILE B 108 1.65 4.47 1.44
N GLY B 109 1.70 5.80 1.43
CA GLY B 109 0.78 6.61 2.19
C GLY B 109 -0.07 7.46 1.27
N VAL B 110 -1.37 7.51 1.56
CA VAL B 110 -2.31 8.34 0.80
C VAL B 110 -2.90 9.35 1.78
N PHE B 111 -2.80 10.64 1.42
CA PHE B 111 -3.16 11.72 2.34
C PHE B 111 -4.12 12.67 1.64
N LYS B 112 -5.30 12.85 2.22
CA LYS B 112 -6.25 13.86 1.76
C LYS B 112 -6.21 15.02 2.76
N LEU B 113 -6.04 16.24 2.24
CA LEU B 113 -5.86 17.41 3.07
C LEU B 113 -7.17 18.17 3.23
N ASP B 114 -7.32 18.82 4.38
CA ASP B 114 -8.42 19.74 4.61
C ASP B 114 -8.14 21.03 3.87
N SER B 115 -9.09 21.48 3.06
CA SER B 115 -8.88 22.68 2.26
C SER B 115 -8.81 23.94 3.12
N GLU B 116 -9.32 23.89 4.36
CA GLU B 116 -9.35 25.08 5.19
C GLU B 116 -8.00 25.35 5.86
N ASP B 117 -7.40 24.34 6.49
CA ASP B 117 -6.20 24.54 7.28
C ASP B 117 -5.02 23.66 6.87
N GLY B 118 -5.17 22.84 5.83
CA GLY B 118 -4.07 22.03 5.34
C GLY B 118 -3.74 20.81 6.16
N LYS B 119 -4.53 20.49 7.19
CA LYS B 119 -4.28 19.28 7.96
C LYS B 119 -4.75 18.04 7.20
N ILE B 120 -4.20 16.90 7.61
CA ILE B 120 -4.59 15.63 7.02
C ILE B 120 -5.96 15.24 7.56
N LYS B 121 -6.94 15.14 6.67
CA LYS B 121 -8.28 14.71 7.05
C LYS B 121 -8.52 13.23 6.78
N GLU B 122 -7.82 12.66 5.81
CA GLU B 122 -7.86 11.22 5.52
C GLU B 122 -6.44 10.73 5.32
N MET B 123 -6.11 9.63 6.00
CA MET B 123 -4.79 9.01 5.90
C MET B 123 -4.97 7.51 5.73
N ARG B 124 -4.44 6.97 4.63
CA ARG B 124 -4.52 5.53 4.37
C ARG B 124 -3.10 5.03 4.16
N ILE B 125 -2.68 4.10 5.01
CA ILE B 125 -1.31 3.60 5.03
C ILE B 125 -1.32 2.14 4.58
N TYR B 126 -0.49 1.82 3.58
CA TYR B 126 -0.44 0.46 3.07
C TYR B 126 0.93 -0.13 3.28
N LYS B 127 1.01 -1.18 4.09
CA LYS B 127 2.28 -1.93 4.27
C LYS B 127 1.92 -3.35 4.75
N ASP B 128 2.78 -4.32 4.49
CA ASP B 128 2.57 -5.66 4.99
C ASP B 128 2.99 -5.68 6.46
N ARG B 129 2.05 -6.04 7.34
CA ARG B 129 2.36 -6.10 8.76
C ARG B 129 3.04 -7.40 9.16
N LEU B 130 2.93 -8.45 8.34
CA LEU B 130 3.54 -9.74 8.67
C LEU B 130 5.02 -9.65 9.00
N PRO B 131 5.87 -8.91 8.28
CA PRO B 131 7.30 -8.89 8.64
C PRO B 131 7.59 -8.36 10.04
N PHE B 132 6.71 -7.54 10.61
CA PHE B 132 7.02 -6.94 11.91
C PHE B 132 6.89 -7.94 13.06
N LEU B 133 6.31 -9.12 12.82
CA LEU B 133 6.37 -10.17 13.81
C LEU B 133 7.80 -10.58 14.13
N ALA B 134 8.74 -10.34 13.21
CA ALA B 134 10.15 -10.66 13.44
C ALA B 134 10.75 -9.84 14.58
N LEU B 135 10.09 -8.76 15.00
CA LEU B 135 10.58 -7.99 16.14
C LEU B 135 10.43 -8.75 17.45
N HIS B 136 9.52 -9.72 17.51
CA HIS B 136 9.36 -10.54 18.71
C HIS B 136 10.30 -11.74 18.67
#